data_5E7D
#
_entry.id   5E7D
#
_cell.length_a   40.790
_cell.length_b   135.664
_cell.length_c   56.045
_cell.angle_alpha   90.000
_cell.angle_beta   90.600
_cell.angle_gamma   90.000
#
_symmetry.space_group_name_H-M   'P 1 21 1'
#
loop_
_entity.id
_entity.type
_entity.pdbx_description
1 polymer 'Protein polybromo-1'
2 non-polymer (2E)-3-(dimethylamino)-1-(2-hydroxyphenyl)prop-2-en-1-one
3 non-polymer 1,2-ETHANEDIOL
4 water water
#
_entity_poly.entity_id   1
_entity_poly.type   'polypeptide(L)'
_entity_poly.pdbx_seq_one_letter_code
;SMSGISPKKSKYMTPMQQKLNEVYEAVKNYTDKRGRRLSAIFLRLPSRSELPDYYLTIKKPMDMEKIRSHMMANKYQDID
SMVEDFVMMFNNACTYNEPESLIYKDALVLHKVLLETRRDLEGD
;
_entity_poly.pdbx_strand_id   A,B,C,D
#
# COMPACT_ATOMS: atom_id res chain seq x y z
N LYS A 11 -2.49 27.69 31.04
CA LYS A 11 -1.66 26.59 31.58
C LYS A 11 -0.28 26.55 30.91
N TYR A 12 0.53 25.59 31.32
CA TYR A 12 1.92 25.49 30.89
C TYR A 12 2.04 24.36 29.87
N MET A 13 3.12 24.40 29.09
CA MET A 13 3.41 23.37 28.12
C MET A 13 4.27 22.24 28.69
N THR A 14 3.91 21.00 28.37
CA THR A 14 4.73 19.86 28.73
C THR A 14 6.04 19.93 27.93
N PRO A 15 7.12 19.28 28.40
CA PRO A 15 8.34 19.18 27.56
C PRO A 15 8.09 18.66 26.14
N MET A 16 7.23 17.64 25.99
CA MET A 16 6.89 17.15 24.67
C MET A 16 6.25 18.26 23.83
N GLN A 17 5.31 18.99 24.42
CA GLN A 17 4.70 20.12 23.72
C GLN A 17 5.73 21.16 23.25
N GLN A 18 6.79 21.35 24.04
CA GLN A 18 7.83 22.32 23.74
C GLN A 18 8.70 21.79 22.62
N LYS A 19 8.94 20.48 22.61
CA LYS A 19 9.69 19.89 21.51
C LYS A 19 8.89 19.98 20.20
N LEU A 20 7.62 19.61 20.24
CA LEU A 20 6.77 19.72 19.07
C LEU A 20 6.77 21.15 18.53
N ASN A 21 6.66 22.12 19.43
CA ASN A 21 6.55 23.54 19.03
C ASN A 21 7.83 24.02 18.33
N GLU A 22 8.96 23.52 18.78
CA GLU A 22 10.23 23.83 18.13
C GLU A 22 10.28 23.27 16.70
N VAL A 23 9.75 22.06 16.51
CA VAL A 23 9.69 21.44 15.18
C VAL A 23 8.71 22.24 14.31
N TYR A 24 7.52 22.50 14.85
CA TYR A 24 6.47 23.36 14.20
C TYR A 24 6.99 24.72 13.73
N GLU A 25 7.60 25.47 14.64
CA GLU A 25 8.21 26.76 14.35
C GLU A 25 9.34 26.72 13.32
N ALA A 26 10.13 25.65 13.33
CA ALA A 26 11.18 25.47 12.30
C ALA A 26 10.60 25.41 10.88
N VAL A 27 9.59 24.57 10.70
CA VAL A 27 8.82 24.48 9.44
C VAL A 27 8.15 25.81 9.13
N LYS A 28 7.48 26.40 10.12
CA LYS A 28 6.81 27.66 9.89
C LYS A 28 7.82 28.75 9.49
N ASN A 29 8.97 28.82 10.14
CA ASN A 29 9.86 29.99 9.96
C ASN A 29 10.89 29.83 8.85
N TYR A 30 10.91 28.66 8.23
CA TYR A 30 11.93 28.37 7.22
C TYR A 30 11.79 29.34 6.05
N THR A 31 12.91 29.89 5.62
CA THR A 31 12.90 30.81 4.48
C THR A 31 13.88 30.29 3.45
N ASP A 32 13.54 30.44 2.17
CA ASP A 32 14.50 30.14 1.09
C ASP A 32 15.61 31.22 0.96
N LYS A 33 16.47 31.11 -0.05
CA LYS A 33 17.63 32.03 -0.18
C LYS A 33 17.20 33.49 -0.42
N ARG A 34 15.97 33.72 -0.88
CA ARG A 34 15.40 35.07 -1.06
C ARG A 34 14.60 35.56 0.13
N GLY A 35 14.52 34.76 1.18
CA GLY A 35 13.86 35.14 2.40
C GLY A 35 12.36 34.94 2.34
N ARG A 36 11.89 34.14 1.40
CA ARG A 36 10.48 33.76 1.36
C ARG A 36 10.21 32.60 2.32
N ARG A 37 9.18 32.78 3.13
CA ARG A 37 8.69 31.75 3.98
C ARG A 37 7.82 30.82 3.20
N LEU A 38 8.30 29.60 2.97
CA LEU A 38 7.51 28.62 2.22
C LEU A 38 6.20 28.23 2.91
N SER A 39 6.13 28.38 4.24
CA SER A 39 4.90 28.05 4.98
C SER A 39 3.65 28.87 4.70
N ALA A 40 3.77 30.04 4.06
CA ALA A 40 2.63 30.96 3.96
C ALA A 40 1.32 30.37 3.45
N ILE A 41 1.41 29.59 2.38
CA ILE A 41 0.17 29.05 1.80
C ILE A 41 -0.37 27.86 2.66
N PHE A 42 0.46 27.26 3.51
CA PHE A 42 0.08 26.11 4.32
C PHE A 42 -0.53 26.45 5.68
N LEU A 43 -0.49 27.71 6.11
CA LEU A 43 -0.91 28.08 7.46
C LEU A 43 -2.40 27.84 7.70
N ARG A 44 -3.19 28.31 6.75
CA ARG A 44 -4.64 28.38 6.86
C ARG A 44 -5.34 28.21 5.53
N LEU A 45 -5.98 27.05 5.34
CA LEU A 45 -6.85 26.84 4.18
C LEU A 45 -8.01 27.79 4.22
N PRO A 46 -8.51 28.21 3.04
CA PRO A 46 -9.80 28.91 3.04
C PRO A 46 -10.93 28.02 3.59
N SER A 47 -12.09 28.59 3.85
CA SER A 47 -13.27 27.83 4.32
C SER A 47 -13.85 26.96 3.18
N ARG A 48 -14.65 25.95 3.53
CA ARG A 48 -15.22 25.08 2.50
CA ARG A 48 -15.22 25.08 2.50
C ARG A 48 -16.15 25.84 1.54
N SER A 49 -16.79 26.90 2.04
CA SER A 49 -17.60 27.75 1.15
C SER A 49 -16.71 28.55 0.17
N GLU A 50 -15.52 28.92 0.62
CA GLU A 50 -14.62 29.72 -0.21
C GLU A 50 -13.99 28.89 -1.30
N LEU A 51 -13.66 27.65 -0.96
CA LEU A 51 -12.92 26.76 -1.84
C LEU A 51 -13.51 25.34 -1.96
N PRO A 52 -14.71 25.22 -2.57
CA PRO A 52 -15.46 23.94 -2.50
C PRO A 52 -14.74 22.80 -3.19
N ASP A 53 -14.10 23.10 -4.32
CA ASP A 53 -13.44 22.07 -5.10
C ASP A 53 -12.28 21.41 -4.31
N TYR A 54 -11.65 22.13 -3.39
CA TYR A 54 -10.57 21.56 -2.55
C TYR A 54 -11.15 20.50 -1.62
N TYR A 55 -12.18 20.92 -0.86
CA TYR A 55 -12.81 20.10 0.16
C TYR A 55 -13.61 18.90 -0.40
N LEU A 56 -14.00 18.99 -1.68
CA LEU A 56 -14.69 17.91 -2.39
C LEU A 56 -13.74 16.97 -3.06
N THR A 57 -12.47 17.36 -3.17
CA THR A 57 -11.41 16.54 -3.75
C THR A 57 -10.52 15.88 -2.68
N ILE A 58 -10.26 16.57 -1.58
CA ILE A 58 -9.26 16.12 -0.60
C ILE A 58 -10.03 15.51 0.58
N LYS A 59 -9.80 14.24 0.89
CA LYS A 59 -10.63 13.50 1.90
C LYS A 59 -10.50 14.08 3.31
N LYS A 60 -9.28 14.46 3.70
CA LYS A 60 -8.97 14.94 5.03
C LYS A 60 -8.18 16.26 4.98
N PRO A 61 -8.88 17.39 4.81
CA PRO A 61 -8.22 18.69 4.76
C PRO A 61 -7.39 18.99 6.01
N MET A 62 -6.24 19.62 5.84
CA MET A 62 -5.31 19.82 6.95
C MET A 62 -4.46 21.05 6.67
N ASP A 63 -4.28 21.89 7.67
CA ASP A 63 -3.39 23.02 7.57
C ASP A 63 -2.56 23.15 8.81
N MET A 64 -1.53 24.01 8.75
CA MET A 64 -0.66 24.24 9.93
C MET A 64 -1.39 24.78 11.17
N GLU A 65 -2.40 25.62 10.99
CA GLU A 65 -3.19 26.06 12.13
C GLU A 65 -3.93 24.91 12.81
N LYS A 66 -4.47 23.97 12.04
CA LYS A 66 -5.06 22.78 12.66
C LYS A 66 -3.98 21.97 13.43
N ILE A 67 -2.82 21.78 12.83
CA ILE A 67 -1.79 21.10 13.56
C ILE A 67 -1.37 21.83 14.87
N ARG A 68 -1.26 23.15 14.80
CA ARG A 68 -0.85 23.94 15.95
C ARG A 68 -1.91 23.85 17.04
N SER A 69 -3.21 23.92 16.68
CA SER A 69 -4.26 23.69 17.70
C SER A 69 -4.13 22.34 18.41
N HIS A 70 -3.93 21.26 17.63
CA HIS A 70 -3.84 19.89 18.21
C HIS A 70 -2.65 19.85 19.16
N MET A 71 -1.54 20.45 18.75
CA MET A 71 -0.34 20.49 19.58
C MET A 71 -0.60 21.21 20.90
N MET A 72 -1.17 22.41 20.82
CA MET A 72 -1.47 23.22 22.01
C MET A 72 -2.57 22.63 22.88
N ALA A 73 -3.37 21.72 22.32
CA ALA A 73 -4.40 21.03 23.10
C ALA A 73 -3.82 19.77 23.74
N ASN A 74 -2.53 19.52 23.51
CA ASN A 74 -1.79 18.39 24.12
C ASN A 74 -2.27 17.02 23.58
N LYS A 75 -2.65 16.98 22.30
CA LYS A 75 -3.19 15.80 21.67
C LYS A 75 -2.13 14.96 20.95
N TYR A 76 -0.93 15.48 20.71
CA TYR A 76 0.12 14.64 20.10
C TYR A 76 0.93 13.92 21.19
N GLN A 77 1.13 12.61 21.06
CA GLN A 77 1.86 11.86 22.08
C GLN A 77 3.35 11.99 21.89
N ASP A 78 3.77 12.12 20.63
CA ASP A 78 5.16 12.18 20.29
C ASP A 78 5.32 12.89 18.94
N ILE A 79 6.57 13.09 18.54
CA ILE A 79 6.84 13.83 17.34
C ILE A 79 6.35 13.11 16.09
N ASP A 80 6.46 11.78 16.05
CA ASP A 80 5.92 11.00 14.92
C ASP A 80 4.39 11.24 14.71
N SER A 81 3.64 11.47 15.78
CA SER A 81 2.20 11.79 15.66
C SER A 81 2.01 13.10 14.89
N MET A 82 2.84 14.11 15.18
CA MET A 82 2.61 15.40 14.53
C MET A 82 3.12 15.29 13.10
N VAL A 83 4.23 14.56 12.90
CA VAL A 83 4.72 14.35 11.55
C VAL A 83 3.63 13.71 10.67
N GLU A 84 2.86 12.81 11.26
CA GLU A 84 1.80 12.19 10.49
C GLU A 84 0.83 13.25 9.90
N ASP A 85 0.51 14.29 10.66
CA ASP A 85 -0.41 15.31 10.17
C ASP A 85 0.24 16.27 9.18
N PHE A 86 1.53 16.56 9.35
CA PHE A 86 2.25 17.30 8.33
C PHE A 86 2.25 16.47 7.02
N VAL A 87 2.48 15.16 7.11
CA VAL A 87 2.56 14.30 5.91
C VAL A 87 1.23 14.28 5.18
N MET A 88 0.15 14.23 5.94
CA MET A 88 -1.19 14.40 5.36
C MET A 88 -1.33 15.72 4.60
N MET A 89 -0.96 16.83 5.23
CA MET A 89 -1.07 18.14 4.59
C MET A 89 -0.29 18.20 3.28
N PHE A 90 0.95 17.72 3.34
CA PHE A 90 1.87 17.77 2.21
C PHE A 90 1.42 16.85 1.09
N ASN A 91 1.01 15.64 1.44
CA ASN A 91 0.41 14.70 0.47
C ASN A 91 -0.84 15.33 -0.15
N ASN A 92 -1.62 16.07 0.63
CA ASN A 92 -2.80 16.74 0.05
C ASN A 92 -2.36 17.79 -0.98
N ALA A 93 -1.35 18.57 -0.63
CA ALA A 93 -0.84 19.53 -1.59
C ALA A 93 -0.34 18.81 -2.88
N CYS A 94 0.27 17.65 -2.77
CA CYS A 94 0.72 16.94 -3.97
C CYS A 94 -0.51 16.38 -4.77
N THR A 95 -1.56 15.97 -4.08
CA THR A 95 -2.76 15.51 -4.80
C THR A 95 -3.41 16.67 -5.57
N TYR A 96 -3.52 17.83 -4.92
CA TYR A 96 -4.35 18.89 -5.44
C TYR A 96 -3.67 19.69 -6.52
N ASN A 97 -2.33 19.80 -6.46
CA ASN A 97 -1.53 20.58 -7.39
C ASN A 97 -0.70 19.71 -8.30
N GLU A 98 -0.12 20.31 -9.33
CA GLU A 98 0.80 19.65 -10.24
C GLU A 98 2.25 19.67 -9.73
N PRO A 99 3.06 18.64 -10.07
CA PRO A 99 4.50 18.57 -9.70
C PRO A 99 5.35 19.81 -10.10
N GLU A 100 5.00 20.44 -11.21
CA GLU A 100 5.72 21.61 -11.65
C GLU A 100 5.37 22.85 -10.83
N SER A 101 4.30 22.77 -10.03
CA SER A 101 3.80 23.99 -9.39
C SER A 101 4.60 24.36 -8.16
N LEU A 102 4.51 25.63 -7.80
CA LEU A 102 5.31 26.18 -6.73
C LEU A 102 4.92 25.57 -5.38
N ILE A 103 3.61 25.46 -5.18
CA ILE A 103 3.06 24.89 -3.96
C ILE A 103 3.52 23.45 -3.76
N TYR A 104 3.47 22.66 -4.83
CA TYR A 104 3.88 21.26 -4.82
C TYR A 104 5.38 21.18 -4.47
N LYS A 105 6.20 21.99 -5.13
CA LYS A 105 7.63 22.07 -4.80
C LYS A 105 7.95 22.49 -3.37
N ASP A 106 7.20 23.45 -2.86
CA ASP A 106 7.40 23.94 -1.51
C ASP A 106 7.03 22.89 -0.47
N ALA A 107 5.96 22.10 -0.73
CA ALA A 107 5.61 20.98 0.14
C ALA A 107 6.80 20.02 0.29
N LEU A 108 7.50 19.72 -0.79
CA LEU A 108 8.61 18.79 -0.74
C LEU A 108 9.78 19.36 0.05
N VAL A 109 10.07 20.65 -0.13
CA VAL A 109 11.13 21.32 0.66
C VAL A 109 10.77 21.33 2.14
N LEU A 110 9.54 21.70 2.46
CA LEU A 110 9.16 21.78 3.86
C LEU A 110 9.13 20.42 4.52
N HIS A 111 8.80 19.36 3.76
CA HIS A 111 8.86 18.03 4.32
C HIS A 111 10.30 17.66 4.68
N LYS A 112 11.20 17.99 3.78
CA LYS A 112 12.60 17.80 4.06
C LYS A 112 13.05 18.58 5.32
N VAL A 113 12.61 19.83 5.45
CA VAL A 113 12.92 20.68 6.65
C VAL A 113 12.39 20.02 7.90
N LEU A 114 11.18 19.47 7.80
CA LEU A 114 10.55 18.78 8.93
C LEU A 114 11.43 17.59 9.35
N LEU A 115 11.84 16.77 8.40
CA LEU A 115 12.61 15.55 8.79
C LEU A 115 14.00 15.92 9.32
N GLU A 116 14.61 16.96 8.75
CA GLU A 116 15.91 17.41 9.20
C GLU A 116 15.85 18.02 10.61
N THR A 117 14.75 18.71 10.92
CA THR A 117 14.54 19.24 12.26
C THR A 117 14.33 18.10 13.26
N ARG A 118 13.54 17.09 12.89
CA ARG A 118 13.35 15.96 13.78
C ARG A 118 14.72 15.30 14.07
N ARG A 119 15.57 15.16 13.03
CA ARG A 119 16.91 14.56 13.17
C ARG A 119 17.82 15.36 14.07
N ASP A 120 17.77 16.68 13.95
CA ASP A 120 18.59 17.58 14.77
C ASP A 120 18.21 17.46 16.23
N LEU A 121 16.92 17.24 16.50
CA LEU A 121 16.46 17.07 17.87
C LEU A 121 16.46 15.59 18.22
N LYS B 11 -6.59 4.43 -34.98
CA LYS B 11 -5.46 5.35 -35.26
C LYS B 11 -4.18 4.53 -35.32
N TYR B 12 -3.27 4.98 -36.16
CA TYR B 12 -2.11 4.23 -36.58
C TYR B 12 -0.86 4.88 -35.99
N MET B 13 0.27 4.18 -36.04
CA MET B 13 1.49 4.70 -35.43
C MET B 13 2.51 5.15 -36.45
N THR B 14 3.09 6.33 -36.19
CA THR B 14 4.19 6.83 -36.97
C THR B 14 5.36 5.91 -36.78
N PRO B 15 6.32 5.95 -37.70
CA PRO B 15 7.60 5.20 -37.59
C PRO B 15 8.36 5.47 -36.29
N MET B 16 8.40 6.74 -35.87
CA MET B 16 9.03 7.10 -34.61
C MET B 16 8.28 6.45 -33.43
N GLN B 17 6.95 6.53 -33.40
CA GLN B 17 6.20 5.83 -32.36
C GLN B 17 6.48 4.32 -32.33
N GLN B 18 6.61 3.70 -33.50
CA GLN B 18 6.95 2.28 -33.57
C GLN B 18 8.36 1.98 -33.07
N LYS B 19 9.33 2.85 -33.38
CA LYS B 19 10.71 2.71 -32.83
C LYS B 19 10.72 2.89 -31.28
N LEU B 20 10.00 3.89 -30.78
CA LEU B 20 9.85 4.07 -29.34
C LEU B 20 9.26 2.79 -28.71
N ASN B 21 8.25 2.26 -29.38
CA ASN B 21 7.50 1.14 -28.86
C ASN B 21 8.37 -0.10 -28.77
N GLU B 22 9.29 -0.23 -29.69
CA GLU B 22 10.25 -1.34 -29.66
C GLU B 22 11.12 -1.26 -28.40
N VAL B 23 11.50 -0.04 -28.03
CA VAL B 23 12.31 0.19 -26.85
C VAL B 23 11.47 -0.10 -25.58
N TYR B 24 10.27 0.46 -25.55
CA TYR B 24 9.37 0.30 -24.42
C TYR B 24 9.12 -1.18 -24.21
N GLU B 25 8.81 -1.90 -25.27
CA GLU B 25 8.53 -3.31 -25.16
C GLU B 25 9.74 -4.15 -24.72
N ALA B 26 10.93 -3.81 -25.19
CA ALA B 26 12.15 -4.49 -24.76
C ALA B 26 12.36 -4.35 -23.23
N VAL B 27 12.19 -3.16 -22.68
CA VAL B 27 12.23 -2.99 -21.22
C VAL B 27 11.09 -3.77 -20.52
N LYS B 28 9.85 -3.59 -20.99
CA LYS B 28 8.65 -4.24 -20.46
C LYS B 28 8.80 -5.76 -20.42
N ASN B 29 9.24 -6.32 -21.53
CA ASN B 29 9.28 -7.78 -21.72
C ASN B 29 10.57 -8.46 -21.27
N TYR B 30 11.59 -7.69 -20.91
CA TYR B 30 12.80 -8.28 -20.36
C TYR B 30 12.54 -9.30 -19.23
N THR B 31 13.16 -10.48 -19.33
CA THR B 31 13.04 -11.48 -18.27
C THR B 31 14.44 -11.93 -17.87
N ASP B 32 14.69 -12.12 -16.58
CA ASP B 32 16.03 -12.51 -16.17
C ASP B 32 16.17 -14.02 -16.41
N LYS B 33 17.24 -14.61 -15.92
CA LYS B 33 17.55 -16.03 -16.21
C LYS B 33 16.60 -16.99 -15.52
N ARG B 34 15.84 -16.48 -14.54
CA ARG B 34 14.86 -17.28 -13.83
C ARG B 34 13.48 -17.11 -14.45
N GLY B 35 13.40 -16.27 -15.48
CA GLY B 35 12.12 -15.95 -16.15
C GLY B 35 11.34 -14.85 -15.45
N ARG B 36 11.98 -14.08 -14.56
CA ARG B 36 11.23 -12.98 -13.92
C ARG B 36 11.24 -11.76 -14.84
N ARG B 37 10.09 -11.14 -14.98
CA ARG B 37 9.93 -9.85 -15.62
C ARG B 37 10.24 -8.72 -14.61
N LEU B 38 11.43 -8.15 -14.69
CA LEU B 38 11.80 -7.10 -13.75
C LEU B 38 10.91 -5.83 -13.84
N SER B 39 10.27 -5.62 -14.98
CA SER B 39 9.41 -4.45 -15.16
C SER B 39 8.14 -4.41 -14.31
N ALA B 40 7.68 -5.54 -13.78
CA ALA B 40 6.38 -5.64 -13.10
C ALA B 40 6.06 -4.52 -12.12
N ILE B 41 7.00 -4.24 -11.23
CA ILE B 41 6.81 -3.26 -10.16
C ILE B 41 6.76 -1.79 -10.69
N PHE B 42 7.37 -1.58 -11.86
CA PHE B 42 7.50 -0.25 -12.44
C PHE B 42 6.29 0.18 -13.31
N LEU B 43 5.32 -0.70 -13.51
CA LEU B 43 4.20 -0.40 -14.40
C LEU B 43 3.34 0.70 -13.79
N ARG B 44 3.05 0.59 -12.49
CA ARG B 44 2.18 1.58 -11.83
C ARG B 44 2.74 2.02 -10.48
N LEU B 45 2.92 3.31 -10.33
CA LEU B 45 3.34 3.91 -9.06
C LEU B 45 2.42 3.51 -7.90
N PRO B 46 3.01 3.30 -6.74
CA PRO B 46 2.25 3.09 -5.54
C PRO B 46 1.39 4.34 -5.18
N SER B 47 0.29 4.15 -4.45
CA SER B 47 -0.58 5.30 -4.09
C SER B 47 -0.01 5.93 -2.83
N ARG B 48 -0.49 7.13 -2.52
CA ARG B 48 -0.12 7.76 -1.23
C ARG B 48 -0.58 6.94 -0.02
N SER B 49 -1.72 6.24 -0.14
CA SER B 49 -2.14 5.38 0.95
C SER B 49 -1.16 4.21 1.15
N GLU B 50 -0.59 3.65 0.09
CA GLU B 50 0.39 2.56 0.27
C GLU B 50 1.72 3.08 0.86
N LEU B 51 2.23 4.19 0.30
CA LEU B 51 3.51 4.79 0.70
C LEU B 51 3.38 6.31 1.01
N PRO B 52 3.05 6.63 2.26
CA PRO B 52 2.72 8.02 2.64
C PRO B 52 3.87 9.01 2.47
N ASP B 53 5.11 8.52 2.35
CA ASP B 53 6.24 9.40 2.07
C ASP B 53 6.77 9.35 0.62
N TYR B 54 6.21 8.50 -0.25
CA TYR B 54 6.68 8.40 -1.64
C TYR B 54 6.66 9.72 -2.35
N TYR B 55 5.50 10.33 -2.42
CA TYR B 55 5.38 11.55 -3.19
C TYR B 55 6.03 12.77 -2.51
N LEU B 56 6.34 12.65 -1.22
CA LEU B 56 7.02 13.70 -0.48
C LEU B 56 8.55 13.54 -0.65
N THR B 57 8.98 12.46 -1.25
CA THR B 57 10.39 12.16 -1.41
C THR B 57 10.85 12.35 -2.87
N ILE B 58 9.94 12.18 -3.80
CA ILE B 58 10.24 12.11 -5.25
C ILE B 58 9.62 13.32 -5.95
N LYS B 59 10.47 14.09 -6.61
CA LYS B 59 10.08 15.34 -7.28
C LYS B 59 9.11 15.20 -8.46
N LYS B 60 9.41 14.29 -9.36
CA LYS B 60 8.66 14.11 -10.59
C LYS B 60 8.31 12.62 -10.68
N PRO B 61 7.17 12.25 -10.10
CA PRO B 61 6.63 10.90 -10.20
C PRO B 61 6.60 10.38 -11.65
N MET B 62 6.97 9.12 -11.87
CA MET B 62 6.97 8.51 -13.21
C MET B 62 6.80 7.00 -13.11
N ASP B 63 6.02 6.41 -14.06
CA ASP B 63 5.93 4.93 -14.19
C ASP B 63 5.78 4.52 -15.65
N MET B 64 5.77 3.23 -15.91
CA MET B 64 5.72 2.79 -17.28
C MET B 64 4.37 3.09 -17.96
N GLU B 65 3.28 3.10 -17.21
CA GLU B 65 1.99 3.48 -17.78
C GLU B 65 2.03 4.90 -18.34
N LYS B 66 2.59 5.83 -17.56
CA LYS B 66 2.80 7.21 -18.01
C LYS B 66 3.67 7.33 -19.24
N ILE B 67 4.78 6.58 -19.26
CA ILE B 67 5.63 6.61 -20.44
C ILE B 67 4.86 6.13 -21.66
N ARG B 68 4.10 5.04 -21.52
CA ARG B 68 3.38 4.46 -22.65
C ARG B 68 2.33 5.43 -23.19
N SER B 69 1.58 6.09 -22.31
CA SER B 69 0.54 7.02 -22.80
C SER B 69 1.14 8.26 -23.48
N HIS B 70 2.27 8.71 -22.98
CA HIS B 70 3.00 9.77 -23.62
C HIS B 70 3.40 9.31 -25.03
N MET B 71 3.99 8.12 -25.14
CA MET B 71 4.37 7.56 -26.45
C MET B 71 3.20 7.47 -27.43
N MET B 72 2.10 6.89 -26.99
CA MET B 72 0.89 6.81 -27.83
C MET B 72 0.23 8.18 -28.14
N ALA B 73 0.55 9.21 -27.35
CA ALA B 73 0.11 10.58 -27.62
C ALA B 73 1.08 11.36 -28.51
N ASN B 74 2.07 10.69 -29.12
CA ASN B 74 3.03 11.34 -30.02
C ASN B 74 3.78 12.51 -29.37
N LYS B 75 4.14 12.34 -28.10
CA LYS B 75 4.75 13.42 -27.38
C LYS B 75 6.25 13.26 -27.22
N TYR B 76 6.79 12.11 -27.60
CA TYR B 76 8.24 11.98 -27.63
C TYR B 76 8.79 12.37 -29.02
N GLN B 77 9.85 13.17 -29.04
CA GLN B 77 10.45 13.65 -30.29
C GLN B 77 11.37 12.59 -30.86
N ASP B 78 12.06 11.89 -29.96
CA ASP B 78 12.97 10.83 -30.37
C ASP B 78 13.20 9.89 -29.21
N ILE B 79 14.09 8.93 -29.43
CA ILE B 79 14.40 7.89 -28.44
C ILE B 79 15.04 8.48 -27.17
N ASP B 80 16.01 9.41 -27.33
CA ASP B 80 16.63 10.07 -26.19
C ASP B 80 15.59 10.66 -25.24
N SER B 81 14.50 11.19 -25.81
CA SER B 81 13.41 11.79 -25.06
C SER B 81 12.63 10.80 -24.15
N MET B 82 12.35 9.61 -24.67
CA MET B 82 11.70 8.60 -23.83
C MET B 82 12.72 8.03 -22.84
N VAL B 83 13.97 7.92 -23.26
CA VAL B 83 15.01 7.46 -22.33
C VAL B 83 15.09 8.35 -21.10
N GLU B 84 14.95 9.66 -21.28
CA GLU B 84 14.94 10.59 -20.14
C GLU B 84 13.86 10.22 -19.14
N ASP B 85 12.65 9.83 -19.58
CA ASP B 85 11.61 9.46 -18.59
C ASP B 85 11.91 8.14 -17.93
N PHE B 86 12.41 7.16 -18.67
CA PHE B 86 12.91 5.91 -18.06
C PHE B 86 13.99 6.21 -17.00
N VAL B 87 14.98 7.02 -17.35
CA VAL B 87 16.03 7.42 -16.37
C VAL B 87 15.39 8.04 -15.13
N MET B 88 14.47 8.96 -15.32
CA MET B 88 13.84 9.60 -14.20
C MET B 88 13.19 8.52 -13.34
N MET B 89 12.45 7.61 -13.97
CA MET B 89 11.72 6.57 -13.18
C MET B 89 12.68 5.74 -12.40
N PHE B 90 13.76 5.32 -13.04
CA PHE B 90 14.72 4.44 -12.39
C PHE B 90 15.49 5.15 -11.30
N ASN B 91 15.86 6.40 -11.54
CA ASN B 91 16.50 7.20 -10.51
C ASN B 91 15.58 7.44 -9.33
N ASN B 92 14.30 7.61 -9.60
CA ASN B 92 13.35 7.80 -8.52
C ASN B 92 13.25 6.53 -7.67
N ALA B 93 13.16 5.38 -8.34
CA ALA B 93 13.18 4.08 -7.65
C ALA B 93 14.40 3.92 -6.74
N CYS B 94 15.59 4.30 -7.23
CA CYS B 94 16.83 4.24 -6.44
C CYS B 94 17.04 5.34 -5.37
N THR B 95 16.20 6.36 -5.40
CA THR B 95 16.12 7.40 -4.36
C THR B 95 15.24 6.91 -3.25
N TYR B 96 14.05 6.44 -3.60
CA TYR B 96 13.10 5.98 -2.60
C TYR B 96 13.50 4.72 -1.83
N ASN B 97 13.97 3.71 -2.57
CA ASN B 97 14.29 2.38 -2.04
C ASN B 97 15.80 2.22 -1.75
N GLU B 98 16.11 1.38 -0.77
CA GLU B 98 17.47 1.30 -0.24
C GLU B 98 18.33 0.60 -1.26
N PRO B 99 19.65 0.85 -1.26
CA PRO B 99 20.61 0.23 -2.21
C PRO B 99 20.62 -1.30 -2.20
N GLU B 100 20.33 -1.88 -1.03
CA GLU B 100 20.30 -3.34 -0.85
C GLU B 100 18.97 -3.98 -1.30
N SER B 101 17.96 -3.15 -1.55
CA SER B 101 16.63 -3.61 -1.91
C SER B 101 16.56 -4.16 -3.35
N LEU B 102 15.55 -5.01 -3.59
CA LEU B 102 15.36 -5.66 -4.88
C LEU B 102 15.00 -4.63 -5.95
N ILE B 103 14.06 -3.73 -5.61
CA ILE B 103 13.63 -2.73 -6.56
C ILE B 103 14.82 -1.91 -7.03
N TYR B 104 15.72 -1.52 -6.12
CA TYR B 104 16.95 -0.79 -6.48
C TYR B 104 17.81 -1.53 -7.48
N LYS B 105 18.08 -2.82 -7.23
CA LYS B 105 18.85 -3.66 -8.16
C LYS B 105 18.18 -3.95 -9.51
N ASP B 106 16.88 -4.20 -9.53
CA ASP B 106 16.12 -4.35 -10.79
C ASP B 106 16.18 -3.09 -11.64
N ALA B 107 16.14 -1.90 -11.02
CA ALA B 107 16.27 -0.62 -11.75
C ALA B 107 17.60 -0.51 -12.50
N LEU B 108 18.68 -0.89 -11.84
CA LEU B 108 20.01 -0.90 -12.42
C LEU B 108 20.05 -1.82 -13.64
N VAL B 109 19.44 -3.00 -13.50
CA VAL B 109 19.42 -3.94 -14.64
C VAL B 109 18.57 -3.43 -15.78
N LEU B 110 17.35 -2.94 -15.50
CA LEU B 110 16.50 -2.40 -16.56
C LEU B 110 17.04 -1.16 -17.24
N HIS B 111 17.81 -0.36 -16.51
CA HIS B 111 18.54 0.74 -17.11
C HIS B 111 19.56 0.22 -18.10
N LYS B 112 20.33 -0.78 -17.69
CA LYS B 112 21.32 -1.36 -18.62
C LYS B 112 20.63 -1.94 -19.88
N VAL B 113 19.49 -2.61 -19.69
CA VAL B 113 18.69 -3.12 -20.80
C VAL B 113 18.26 -2.01 -21.71
N LEU B 114 17.73 -0.93 -21.12
CA LEU B 114 17.31 0.25 -21.87
C LEU B 114 18.41 0.75 -22.80
N LEU B 115 19.59 0.98 -22.24
CA LEU B 115 20.66 1.61 -22.98
C LEU B 115 21.20 0.68 -24.06
N GLU B 116 21.12 -0.63 -23.81
CA GLU B 116 21.53 -1.65 -24.79
C GLU B 116 20.56 -1.70 -25.97
N THR B 117 19.26 -1.53 -25.67
CA THR B 117 18.20 -1.57 -26.67
C THR B 117 18.32 -0.36 -27.58
N ARG B 118 18.60 0.80 -26.98
CA ARG B 118 18.95 2.03 -27.71
C ARG B 118 20.14 1.81 -28.65
N ARG B 119 21.24 1.30 -28.10
CA ARG B 119 22.49 1.04 -28.88
C ARG B 119 22.27 0.10 -30.07
N ASP B 120 21.42 -0.91 -29.90
CA ASP B 120 21.13 -1.89 -30.94
C ASP B 120 20.11 -1.43 -32.00
N LEU B 121 19.69 -0.17 -31.92
CA LEU B 121 18.89 0.48 -32.96
C LEU B 121 19.63 1.71 -33.46
N LYS C 11 3.56 -34.51 -27.32
CA LYS C 11 3.30 -33.55 -28.43
C LYS C 11 1.94 -32.83 -28.26
N TYR C 12 0.88 -33.60 -28.03
CA TYR C 12 -0.49 -33.05 -28.01
C TYR C 12 -1.00 -32.89 -26.59
N MET C 13 -1.89 -31.92 -26.38
CA MET C 13 -2.42 -31.63 -25.06
C MET C 13 -3.73 -32.35 -24.82
N THR C 14 -3.85 -33.01 -23.65
CA THR C 14 -5.08 -33.70 -23.29
C THR C 14 -6.19 -32.64 -23.12
N PRO C 15 -7.47 -33.04 -23.24
CA PRO C 15 -8.55 -32.06 -23.01
C PRO C 15 -8.44 -31.46 -21.62
N MET C 16 -8.00 -32.25 -20.65
CA MET C 16 -7.81 -31.79 -19.27
C MET C 16 -6.78 -30.67 -19.26
N GLN C 17 -5.63 -30.95 -19.86
CA GLN C 17 -4.58 -29.95 -20.02
C GLN C 17 -5.11 -28.69 -20.71
N GLN C 18 -5.98 -28.82 -21.71
CA GLN C 18 -6.53 -27.63 -22.39
C GLN C 18 -7.53 -26.90 -21.48
N LYS C 19 -8.25 -27.64 -20.64
CA LYS C 19 -9.20 -27.02 -19.71
C LYS C 19 -8.36 -26.25 -18.66
N LEU C 20 -7.32 -26.92 -18.17
CA LEU C 20 -6.34 -26.28 -17.26
C LEU C 20 -5.75 -25.02 -17.90
N ASN C 21 -5.28 -25.15 -19.14
CA ASN C 21 -4.65 -24.02 -19.85
C ASN C 21 -5.56 -22.82 -19.97
N GLU C 22 -6.84 -23.07 -20.22
CA GLU C 22 -7.80 -22.00 -20.37
C GLU C 22 -7.95 -21.21 -19.06
N VAL C 23 -8.12 -21.92 -17.95
CA VAL C 23 -8.18 -21.25 -16.64
C VAL C 23 -6.86 -20.54 -16.33
N TYR C 24 -5.72 -21.14 -16.68
CA TYR C 24 -4.42 -20.48 -16.46
C TYR C 24 -4.34 -19.21 -17.28
N GLU C 25 -4.70 -19.29 -18.55
CA GLU C 25 -4.62 -18.15 -19.43
C GLU C 25 -5.63 -17.04 -19.04
N ALA C 26 -6.80 -17.40 -18.54
CA ALA C 26 -7.77 -16.39 -18.04
C ALA C 26 -7.18 -15.55 -16.90
N VAL C 27 -6.45 -16.21 -15.99
CA VAL C 27 -5.78 -15.52 -14.89
C VAL C 27 -4.62 -14.66 -15.43
N LYS C 28 -3.80 -15.25 -16.28
CA LYS C 28 -2.64 -14.55 -16.83
C LYS C 28 -3.04 -13.29 -17.58
N ASN C 29 -4.07 -13.44 -18.39
CA ASN C 29 -4.48 -12.40 -19.33
C ASN C 29 -5.48 -11.38 -18.81
N TYR C 30 -6.04 -11.59 -17.62
CA TYR C 30 -6.95 -10.61 -17.04
C TYR C 30 -6.29 -9.21 -17.01
N THR C 31 -7.06 -8.20 -17.43
CA THR C 31 -6.62 -6.80 -17.35
C THR C 31 -7.65 -5.95 -16.61
N ASP C 32 -7.18 -4.90 -15.94
CA ASP C 32 -8.07 -3.91 -15.35
C ASP C 32 -8.54 -2.92 -16.44
N LYS C 33 -9.17 -1.82 -16.03
CA LYS C 33 -9.79 -0.88 -16.98
C LYS C 33 -8.73 -0.14 -17.82
N ARG C 34 -7.55 0.05 -17.23
CA ARG C 34 -6.38 0.64 -17.89
C ARG C 34 -5.53 -0.35 -18.71
N GLY C 35 -5.99 -1.60 -18.86
CA GLY C 35 -5.28 -2.61 -19.66
C GLY C 35 -4.05 -3.19 -19.00
N ARG C 36 -3.91 -2.98 -17.69
CA ARG C 36 -2.80 -3.53 -16.94
C ARG C 36 -3.09 -5.02 -16.63
N ARG C 37 -2.16 -5.90 -17.04
CA ARG C 37 -2.22 -7.32 -16.67
C ARG C 37 -1.84 -7.43 -15.19
N LEU C 38 -2.82 -7.76 -14.35
CA LEU C 38 -2.58 -7.92 -12.92
C LEU C 38 -1.59 -9.04 -12.63
N SER C 39 -1.48 -10.01 -13.54
CA SER C 39 -0.66 -11.22 -13.29
C SER C 39 0.84 -10.96 -13.31
N ALA C 40 1.25 -9.76 -13.70
CA ALA C 40 2.67 -9.56 -14.04
C ALA C 40 3.61 -9.89 -12.87
N ILE C 41 3.26 -9.42 -11.68
CA ILE C 41 4.09 -9.66 -10.49
C ILE C 41 4.11 -11.15 -10.02
N PHE C 42 3.08 -11.91 -10.38
CA PHE C 42 2.89 -13.24 -9.86
C PHE C 42 3.55 -14.30 -10.73
N LEU C 43 4.01 -13.94 -11.93
CA LEU C 43 4.62 -14.91 -12.84
C LEU C 43 5.82 -15.60 -12.25
N ARG C 44 6.71 -14.83 -11.65
CA ARG C 44 7.89 -15.43 -11.02
C ARG C 44 8.33 -14.70 -9.74
N LEU C 45 8.40 -15.41 -8.62
CA LEU C 45 9.00 -14.86 -7.40
C LEU C 45 10.48 -14.54 -7.63
N PRO C 46 10.97 -13.51 -6.96
CA PRO C 46 12.40 -13.35 -6.95
C PRO C 46 13.08 -14.54 -6.25
N SER C 47 14.38 -14.74 -6.46
CA SER C 47 15.08 -15.80 -5.80
C SER C 47 15.22 -15.52 -4.29
N ARG C 48 15.64 -16.55 -3.58
CA ARG C 48 15.92 -16.46 -2.15
C ARG C 48 17.00 -15.40 -1.88
N SER C 49 17.99 -15.32 -2.77
CA SER C 49 19.07 -14.33 -2.63
C SER C 49 18.55 -12.91 -2.88
N GLU C 50 17.56 -12.77 -3.75
CA GLU C 50 17.01 -11.48 -4.11
C GLU C 50 16.05 -10.95 -3.09
N LEU C 51 15.25 -11.85 -2.47
CA LEU C 51 14.21 -11.44 -1.51
C LEU C 51 14.12 -12.44 -0.33
N PRO C 52 15.15 -12.49 0.51
CA PRO C 52 15.20 -13.53 1.55
C PRO C 52 14.05 -13.41 2.52
N ASP C 53 13.62 -12.19 2.80
CA ASP C 53 12.59 -12.05 3.80
C ASP C 53 11.26 -12.72 3.37
N TYR C 54 11.00 -12.86 2.07
CA TYR C 54 9.78 -13.53 1.60
C TYR C 54 9.79 -14.98 2.07
N TYR C 55 10.94 -15.64 1.92
CA TYR C 55 10.99 -17.07 2.18
C TYR C 55 11.04 -17.35 3.70
N LEU C 56 11.34 -16.33 4.50
CA LEU C 56 11.25 -16.50 5.96
C LEU C 56 9.79 -16.45 6.44
N THR C 57 8.92 -15.86 5.65
CA THR C 57 7.51 -15.68 6.03
C THR C 57 6.67 -16.75 5.38
N ILE C 58 7.04 -17.10 4.14
CA ILE C 58 6.25 -17.95 3.28
C ILE C 58 6.87 -19.35 3.22
N LYS C 59 6.17 -20.29 3.86
CA LYS C 59 6.66 -21.67 4.03
C LYS C 59 6.50 -22.54 2.79
N LYS C 60 5.51 -22.25 1.95
CA LYS C 60 5.32 -22.97 0.67
C LYS C 60 5.25 -21.98 -0.56
N PRO C 61 6.42 -21.61 -1.11
CA PRO C 61 6.57 -20.68 -2.24
C PRO C 61 5.89 -21.23 -3.47
N MET C 62 5.14 -20.36 -4.14
CA MET C 62 4.42 -20.67 -5.36
C MET C 62 4.40 -19.41 -6.28
N ASP C 63 4.61 -19.62 -7.59
CA ASP C 63 4.34 -18.58 -8.62
C ASP C 63 3.69 -19.22 -9.87
N MET C 64 3.25 -18.40 -10.81
CA MET C 64 2.54 -18.89 -11.99
C MET C 64 3.43 -19.68 -12.94
N GLU C 65 4.72 -19.41 -12.99
CA GLU C 65 5.57 -20.17 -13.92
C GLU C 65 5.70 -21.58 -13.39
N LYS C 66 5.81 -21.70 -12.07
CA LYS C 66 5.82 -23.02 -11.40
C LYS C 66 4.55 -23.84 -11.74
N ILE C 67 3.40 -23.20 -11.67
CA ILE C 67 2.11 -23.82 -11.99
C ILE C 67 2.04 -24.22 -13.45
N ARG C 68 2.47 -23.32 -14.33
CA ARG C 68 2.41 -23.55 -15.76
C ARG C 68 3.25 -24.76 -16.15
N SER C 69 4.44 -24.84 -15.57
CA SER C 69 5.38 -25.90 -15.86
C SER C 69 4.84 -27.27 -15.44
N HIS C 70 4.17 -27.31 -14.29
CA HIS C 70 3.49 -28.52 -13.79
C HIS C 70 2.35 -28.93 -14.73
N MET C 71 1.59 -27.92 -15.19
CA MET C 71 0.48 -28.11 -16.14
C MET C 71 0.98 -28.68 -17.45
N MET C 72 2.04 -28.08 -18.00
CA MET C 72 2.58 -28.52 -19.30
C MET C 72 3.31 -29.87 -19.21
N ALA C 73 3.77 -30.21 -18.00
CA ALA C 73 4.32 -31.53 -17.72
C ALA C 73 3.23 -32.60 -17.60
N ASN C 74 1.98 -32.18 -17.79
CA ASN C 74 0.80 -33.02 -17.61
C ASN C 74 0.71 -33.64 -16.22
N LYS C 75 1.01 -32.88 -15.18
CA LYS C 75 1.08 -33.47 -13.85
C LYS C 75 -0.13 -33.18 -12.99
N TYR C 76 -0.97 -32.22 -13.38
CA TYR C 76 -2.23 -32.01 -12.63
C TYR C 76 -3.26 -33.10 -13.02
N GLN C 77 -3.83 -33.77 -12.03
CA GLN C 77 -4.78 -34.82 -12.32
C GLN C 77 -6.19 -34.27 -12.49
N ASP C 78 -6.41 -33.04 -12.07
CA ASP C 78 -7.71 -32.39 -12.24
C ASP C 78 -7.60 -30.88 -12.03
N ILE C 79 -8.72 -30.19 -12.19
CA ILE C 79 -8.74 -28.74 -12.20
C ILE C 79 -8.61 -28.17 -10.78
N ASP C 80 -9.28 -28.83 -9.82
CA ASP C 80 -9.23 -28.45 -8.42
C ASP C 80 -7.80 -28.40 -7.89
N SER C 81 -6.97 -29.31 -8.36
CA SER C 81 -5.56 -29.37 -7.96
C SER C 81 -4.79 -28.09 -8.37
N MET C 82 -5.00 -27.61 -9.59
CA MET C 82 -4.38 -26.35 -10.03
C MET C 82 -4.91 -25.18 -9.25
N VAL C 83 -6.22 -25.16 -9.08
CA VAL C 83 -6.85 -24.10 -8.33
C VAL C 83 -6.22 -23.95 -6.93
N GLU C 84 -6.03 -25.08 -6.23
CA GLU C 84 -5.44 -25.02 -4.88
C GLU C 84 -4.01 -24.44 -4.90
N ASP C 85 -3.28 -24.63 -6.00
CA ASP C 85 -1.97 -24.00 -6.13
C ASP C 85 -2.08 -22.50 -6.35
N PHE C 86 -3.03 -22.05 -7.18
CA PHE C 86 -3.28 -20.64 -7.31
C PHE C 86 -3.68 -20.10 -5.94
N VAL C 87 -4.59 -20.77 -5.28
CA VAL C 87 -5.07 -20.30 -3.98
C VAL C 87 -3.92 -20.14 -3.00
N MET C 88 -3.01 -21.11 -2.96
CA MET C 88 -1.81 -21.02 -2.13
C MET C 88 -1.02 -19.76 -2.51
N MET C 89 -0.87 -19.50 -3.79
CA MET C 89 -0.12 -18.32 -4.25
C MET C 89 -0.77 -17.01 -3.81
N PHE C 90 -2.09 -16.88 -4.01
CA PHE C 90 -2.74 -15.65 -3.59
C PHE C 90 -2.76 -15.50 -2.08
N ASN C 91 -2.85 -16.61 -1.36
CA ASN C 91 -2.82 -16.60 0.08
C ASN C 91 -1.44 -16.13 0.57
N ASN C 92 -0.41 -16.62 -0.09
CA ASN C 92 0.95 -16.22 0.25
C ASN C 92 1.13 -14.73 0.03
N ALA C 93 0.58 -14.22 -1.08
CA ALA C 93 0.67 -12.81 -1.44
C ALA C 93 0.02 -11.95 -0.39
N CYS C 94 -1.17 -12.35 0.08
CA CYS C 94 -1.89 -11.62 1.11
C CYS C 94 -1.34 -11.78 2.55
N THR C 95 -0.41 -12.71 2.75
CA THR C 95 0.34 -12.84 4.02
C THR C 95 1.59 -11.96 4.00
N TYR C 96 2.26 -11.88 2.85
CA TYR C 96 3.49 -11.12 2.77
C TYR C 96 3.27 -9.61 2.62
N ASN C 97 2.34 -9.23 1.76
CA ASN C 97 2.14 -7.83 1.43
C ASN C 97 1.12 -7.21 2.33
N GLU C 98 1.21 -5.90 2.50
CA GLU C 98 0.26 -5.17 3.34
C GLU C 98 -1.05 -5.01 2.58
N PRO C 99 -2.19 -5.07 3.29
CA PRO C 99 -3.55 -4.89 2.69
C PRO C 99 -3.69 -3.66 1.81
N GLU C 100 -2.92 -2.63 2.14
CA GLU C 100 -2.92 -1.37 1.38
C GLU C 100 -2.16 -1.46 0.03
N SER C 101 -1.35 -2.49 -0.15
CA SER C 101 -0.50 -2.57 -1.33
C SER C 101 -1.24 -3.04 -2.58
N LEU C 102 -0.75 -2.58 -3.71
CA LEU C 102 -1.29 -3.00 -4.98
C LEU C 102 -1.17 -4.50 -5.19
N ILE C 103 -0.06 -5.09 -4.72
CA ILE C 103 0.15 -6.53 -4.89
C ILE C 103 -0.96 -7.33 -4.18
N TYR C 104 -1.28 -6.93 -2.95
CA TYR C 104 -2.38 -7.52 -2.16
C TYR C 104 -3.70 -7.39 -2.89
N LYS C 105 -3.99 -6.18 -3.36
CA LYS C 105 -5.26 -5.91 -4.01
C LYS C 105 -5.42 -6.75 -5.26
N ASP C 106 -4.35 -6.84 -6.05
CA ASP C 106 -4.33 -7.66 -7.26
C ASP C 106 -4.54 -9.13 -6.93
N ALA C 107 -3.98 -9.63 -5.83
CA ALA C 107 -4.14 -11.04 -5.48
C ALA C 107 -5.60 -11.38 -5.22
N LEU C 108 -6.30 -10.52 -4.47
CA LEU C 108 -7.73 -10.73 -4.20
C LEU C 108 -8.54 -10.79 -5.49
N VAL C 109 -8.39 -9.77 -6.33
CA VAL C 109 -9.11 -9.72 -7.61
C VAL C 109 -8.83 -10.95 -8.50
N LEU C 110 -7.56 -11.33 -8.66
CA LEU C 110 -7.22 -12.54 -9.42
C LEU C 110 -7.69 -13.85 -8.78
N HIS C 111 -7.73 -13.93 -7.45
CA HIS C 111 -8.30 -15.11 -6.79
C HIS C 111 -9.76 -15.28 -7.22
N LYS C 112 -10.49 -14.16 -7.32
CA LYS C 112 -11.91 -14.21 -7.67
C LYS C 112 -12.07 -14.52 -9.14
N VAL C 113 -11.22 -13.93 -9.99
CA VAL C 113 -11.19 -14.27 -11.43
C VAL C 113 -10.98 -15.79 -11.66
N LEU C 114 -10.07 -16.41 -10.92
CA LEU C 114 -9.85 -17.87 -10.95
C LEU C 114 -11.12 -18.66 -10.66
N LEU C 115 -11.71 -18.39 -9.49
CA LEU C 115 -12.93 -19.09 -9.07
C LEU C 115 -14.06 -18.89 -10.07
N GLU C 116 -14.26 -17.65 -10.53
CA GLU C 116 -15.31 -17.33 -11.52
C GLU C 116 -15.13 -18.10 -12.81
N THR C 117 -13.88 -18.23 -13.25
CA THR C 117 -13.57 -19.02 -14.44
C THR C 117 -13.85 -20.51 -14.21
N ARG C 118 -13.60 -21.02 -13.00
CA ARG C 118 -13.90 -22.44 -12.70
C ARG C 118 -15.37 -22.69 -12.90
N ARG C 119 -16.22 -21.80 -12.38
CA ARG C 119 -17.68 -21.90 -12.57
C ARG C 119 -18.04 -22.00 -14.06
N ASP C 120 -17.52 -21.08 -14.88
CA ASP C 120 -17.86 -21.05 -16.30
C ASP C 120 -17.50 -22.32 -17.08
N LEU C 121 -16.29 -22.83 -16.85
CA LEU C 121 -15.74 -23.93 -17.65
C LEU C 121 -16.15 -25.32 -17.11
N LYS D 11 10.49 -0.51 30.92
CA LYS D 11 10.00 0.77 30.35
C LYS D 11 8.63 1.09 30.97
N TYR D 12 8.39 2.36 31.26
CA TYR D 12 7.16 2.82 31.91
C TYR D 12 6.25 3.35 30.83
N MET D 13 4.95 3.21 31.04
CA MET D 13 3.98 3.56 30.02
C MET D 13 3.21 4.87 30.33
N THR D 14 2.98 5.69 29.30
CA THR D 14 2.28 6.96 29.41
C THR D 14 0.82 6.76 29.80
N PRO D 15 0.15 7.84 30.26
CA PRO D 15 -1.27 7.73 30.58
C PRO D 15 -2.12 7.28 29.38
N MET D 16 -1.64 7.56 28.17
CA MET D 16 -2.31 7.14 26.96
C MET D 16 -2.14 5.63 26.74
N GLN D 17 -0.94 5.10 27.00
CA GLN D 17 -0.73 3.65 26.81
C GLN D 17 -1.53 2.84 27.84
N GLN D 18 -1.66 3.37 29.05
CA GLN D 18 -2.45 2.79 30.13
C GLN D 18 -3.94 2.84 29.78
N LYS D 19 -4.36 3.92 29.12
CA LYS D 19 -5.76 4.05 28.73
C LYS D 19 -6.08 3.06 27.60
N LEU D 20 -5.21 3.00 26.60
CA LEU D 20 -5.27 1.99 25.55
C LEU D 20 -5.39 0.57 26.15
N ASN D 21 -4.48 0.24 27.06
CA ASN D 21 -4.50 -1.06 27.72
C ASN D 21 -5.82 -1.32 28.44
N GLU D 22 -6.45 -0.30 29.01
CA GLU D 22 -7.69 -0.45 29.76
C GLU D 22 -8.88 -0.71 28.83
N VAL D 23 -8.85 -0.11 27.64
CA VAL D 23 -9.84 -0.39 26.62
C VAL D 23 -9.72 -1.83 26.14
N TYR D 24 -8.49 -2.24 25.83
CA TYR D 24 -8.23 -3.58 25.36
C TYR D 24 -8.65 -4.61 26.38
N GLU D 25 -8.25 -4.41 27.64
CA GLU D 25 -8.67 -5.28 28.73
C GLU D 25 -10.17 -5.31 28.93
N ALA D 26 -10.84 -4.18 28.77
CA ALA D 26 -12.30 -4.11 28.93
C ALA D 26 -13.01 -5.07 27.96
N VAL D 27 -12.58 -5.06 26.70
CA VAL D 27 -13.16 -5.92 25.67
C VAL D 27 -12.73 -7.37 25.91
N LYS D 28 -11.44 -7.58 26.17
CA LYS D 28 -10.92 -8.93 26.49
C LYS D 28 -11.65 -9.57 27.66
N ASN D 29 -11.84 -8.82 28.73
CA ASN D 29 -12.32 -9.38 30.00
C ASN D 29 -13.83 -9.35 30.24
N TYR D 30 -14.56 -8.70 29.35
CA TYR D 30 -15.99 -8.65 29.46
C TYR D 30 -16.51 -10.05 29.55
N THR D 31 -17.38 -10.29 30.52
CA THR D 31 -18.06 -11.57 30.65
C THR D 31 -19.56 -11.33 30.59
N ASP D 32 -20.26 -12.28 30.00
CA ASP D 32 -21.70 -12.25 30.04
C ASP D 32 -22.20 -12.77 31.41
N LYS D 33 -23.50 -12.96 31.53
CA LYS D 33 -24.07 -13.31 32.86
C LYS D 33 -23.65 -14.71 33.30
N ARG D 34 -23.22 -15.55 32.34
CA ARG D 34 -22.78 -16.92 32.63
C ARG D 34 -21.27 -16.99 32.93
N GLY D 35 -20.57 -15.86 32.81
CA GLY D 35 -19.15 -15.80 33.10
C GLY D 35 -18.28 -16.16 31.90
N ARG D 36 -18.87 -16.22 30.72
CA ARG D 36 -18.13 -16.45 29.49
C ARG D 36 -17.54 -15.13 28.97
N ARG D 37 -16.23 -15.16 28.67
CA ARG D 37 -15.55 -14.05 27.96
C ARG D 37 -15.82 -14.16 26.46
N LEU D 38 -16.67 -13.26 25.98
CA LEU D 38 -17.06 -13.22 24.56
C LEU D 38 -15.86 -13.01 23.63
N SER D 39 -14.76 -12.48 24.15
CA SER D 39 -13.60 -12.18 23.36
C SER D 39 -12.88 -13.41 22.84
N ALA D 40 -13.13 -14.58 23.42
CA ALA D 40 -12.26 -15.76 23.16
C ALA D 40 -12.05 -16.13 21.67
N ILE D 41 -13.12 -16.13 20.89
CA ILE D 41 -13.04 -16.53 19.47
C ILE D 41 -12.29 -15.48 18.65
N PHE D 42 -12.23 -14.25 19.18
CA PHE D 42 -11.69 -13.12 18.47
C PHE D 42 -10.19 -12.90 18.62
N LEU D 43 -9.54 -13.72 19.45
CA LEU D 43 -8.17 -13.49 19.81
C LEU D 43 -7.31 -13.82 18.60
N ARG D 44 -7.62 -14.91 17.90
CA ARG D 44 -6.90 -15.31 16.71
C ARG D 44 -7.80 -15.70 15.57
N LEU D 45 -7.58 -15.07 14.42
CA LEU D 45 -8.22 -15.53 13.18
C LEU D 45 -7.75 -16.95 12.85
N PRO D 46 -8.64 -17.77 12.27
CA PRO D 46 -8.14 -19.01 11.66
C PRO D 46 -7.24 -18.67 10.47
N SER D 47 -6.26 -19.52 10.19
CA SER D 47 -5.27 -19.24 9.14
C SER D 47 -5.91 -19.25 7.74
N ARG D 48 -5.17 -18.69 6.76
CA ARG D 48 -5.68 -18.56 5.39
C ARG D 48 -5.93 -19.90 4.74
N SER D 49 -5.18 -20.91 5.16
CA SER D 49 -5.33 -22.26 4.61
C SER D 49 -6.65 -22.85 5.06
N GLU D 50 -6.92 -22.71 6.35
CA GLU D 50 -8.16 -23.22 6.94
C GLU D 50 -9.41 -22.58 6.33
N LEU D 51 -9.31 -21.30 5.94
CA LEU D 51 -10.50 -20.53 5.60
C LEU D 51 -10.29 -19.47 4.50
N PRO D 52 -9.95 -19.92 3.27
CA PRO D 52 -9.61 -18.93 2.23
C PRO D 52 -10.80 -18.04 1.79
N ASP D 53 -12.01 -18.60 1.74
CA ASP D 53 -13.22 -17.81 1.51
C ASP D 53 -13.26 -16.52 2.37
N TYR D 54 -12.94 -16.67 3.66
CA TYR D 54 -12.94 -15.54 4.63
C TYR D 54 -12.21 -14.33 4.05
N TYR D 55 -11.00 -14.55 3.55
CA TYR D 55 -10.11 -13.49 3.07
C TYR D 55 -10.42 -12.92 1.67
N LEU D 56 -11.39 -13.55 1.00
CA LEU D 56 -12.02 -13.00 -0.21
C LEU D 56 -13.17 -12.09 0.19
N THR D 57 -13.92 -12.54 1.19
CA THR D 57 -15.05 -11.80 1.71
C THR D 57 -14.58 -10.53 2.43
N ILE D 58 -13.50 -10.67 3.21
CA ILE D 58 -12.98 -9.64 4.12
C ILE D 58 -11.63 -9.15 3.64
N LYS D 59 -11.53 -7.86 3.31
CA LYS D 59 -10.33 -7.32 2.64
C LYS D 59 -9.26 -6.73 3.60
N LYS D 60 -9.63 -6.41 4.85
CA LYS D 60 -8.62 -6.00 5.84
C LYS D 60 -8.81 -6.83 7.13
N PRO D 61 -8.08 -7.96 7.24
CA PRO D 61 -8.18 -8.89 8.40
C PRO D 61 -7.57 -8.33 9.66
N MET D 62 -8.14 -8.76 10.80
CA MET D 62 -7.88 -8.21 12.12
C MET D 62 -8.32 -9.23 13.18
N ASP D 63 -7.53 -9.33 14.24
CA ASP D 63 -7.89 -10.09 15.45
C ASP D 63 -7.25 -9.41 16.63
N MET D 64 -7.61 -9.83 17.83
CA MET D 64 -7.10 -9.17 19.04
C MET D 64 -5.61 -9.38 19.26
N GLU D 65 -5.04 -10.49 18.77
CA GLU D 65 -3.56 -10.66 18.82
C GLU D 65 -2.86 -9.59 18.04
N LYS D 66 -3.44 -9.22 16.89
CA LYS D 66 -2.81 -8.20 16.04
C LYS D 66 -2.89 -6.84 16.75
N ILE D 67 -4.05 -6.53 17.29
CA ILE D 67 -4.25 -5.31 18.03
C ILE D 67 -3.31 -5.27 19.26
N ARG D 68 -3.24 -6.39 19.98
CA ARG D 68 -2.40 -6.47 21.16
C ARG D 68 -0.95 -6.19 20.82
N SER D 69 -0.44 -6.80 19.74
CA SER D 69 0.96 -6.55 19.32
C SER D 69 1.21 -5.09 19.01
N HIS D 70 0.30 -4.48 18.25
CA HIS D 70 0.39 -3.07 17.88
C HIS D 70 0.43 -2.17 19.12
N MET D 71 -0.42 -2.47 20.10
CA MET D 71 -0.42 -1.72 21.37
C MET D 71 0.92 -1.86 22.13
N MET D 72 1.47 -3.08 22.17
CA MET D 72 2.68 -3.35 22.95
C MET D 72 3.91 -2.82 22.23
N ALA D 73 3.85 -2.79 20.90
CA ALA D 73 4.83 -2.06 20.07
C ALA D 73 4.61 -0.54 20.10
N ASN D 74 3.69 -0.08 20.95
CA ASN D 74 3.36 1.34 21.13
C ASN D 74 3.11 2.07 19.81
N LYS D 75 2.48 1.40 18.86
CA LYS D 75 2.21 1.99 17.57
C LYS D 75 0.87 2.75 17.49
N TYR D 76 0.07 2.76 18.56
CA TYR D 76 -1.22 3.47 18.53
C TYR D 76 -1.10 4.92 19.03
N GLN D 77 -1.56 5.89 18.24
CA GLN D 77 -1.39 7.34 18.52
C GLN D 77 -2.48 7.95 19.41
N ASP D 78 -3.66 7.35 19.38
CA ASP D 78 -4.76 7.76 20.25
C ASP D 78 -5.75 6.60 20.44
N ILE D 79 -6.77 6.84 21.26
CA ILE D 79 -7.77 5.87 21.60
C ILE D 79 -8.61 5.49 20.37
N ASP D 80 -9.03 6.46 19.58
CA ASP D 80 -9.83 6.19 18.38
C ASP D 80 -9.17 5.22 17.41
N SER D 81 -7.85 5.31 17.30
CA SER D 81 -7.08 4.48 16.40
C SER D 81 -7.17 2.97 16.79
N MET D 82 -7.13 2.68 18.08
CA MET D 82 -7.41 1.33 18.55
C MET D 82 -8.86 0.93 18.30
N VAL D 83 -9.80 1.80 18.68
CA VAL D 83 -11.20 1.55 18.48
C VAL D 83 -11.47 1.21 17.02
N GLU D 84 -10.87 1.96 16.11
CA GLU D 84 -11.05 1.75 14.68
C GLU D 84 -10.68 0.29 14.30
N ASP D 85 -9.57 -0.23 14.83
CA ASP D 85 -9.21 -1.63 14.57
C ASP D 85 -10.21 -2.63 15.14
N PHE D 86 -10.69 -2.36 16.37
CA PHE D 86 -11.70 -3.23 16.97
C PHE D 86 -12.95 -3.26 16.12
N VAL D 87 -13.42 -2.08 15.74
CA VAL D 87 -14.62 -1.95 14.92
C VAL D 87 -14.43 -2.71 13.60
N MET D 88 -13.27 -2.55 12.97
CA MET D 88 -12.97 -3.30 11.75
C MET D 88 -13.08 -4.83 11.98
N MET D 89 -12.54 -5.32 13.08
CA MET D 89 -12.60 -6.74 13.42
C MET D 89 -14.03 -7.23 13.59
N PHE D 90 -14.83 -6.47 14.31
CA PHE D 90 -16.19 -6.86 14.53
C PHE D 90 -17.03 -6.77 13.26
N ASN D 91 -16.80 -5.73 12.47
CA ASN D 91 -17.41 -5.61 11.17
C ASN D 91 -17.05 -6.81 10.30
N ASN D 92 -15.78 -7.18 10.28
CA ASN D 92 -15.36 -8.37 9.57
C ASN D 92 -16.09 -9.63 10.02
N ALA D 93 -16.17 -9.86 11.32
CA ALA D 93 -16.86 -11.05 11.85
C ALA D 93 -18.31 -11.09 11.43
N CYS D 94 -18.98 -9.94 11.43
CA CYS D 94 -20.38 -9.87 11.04
C CYS D 94 -20.64 -9.89 9.51
N THR D 95 -19.60 -9.67 8.71
CA THR D 95 -19.72 -9.70 7.25
C THR D 95 -19.59 -11.15 6.85
N TYR D 96 -18.58 -11.79 7.42
CA TYR D 96 -18.38 -13.20 7.19
C TYR D 96 -19.51 -14.10 7.77
N ASN D 97 -19.76 -14.01 9.07
CA ASN D 97 -20.64 -14.98 9.71
C ASN D 97 -22.09 -14.55 9.55
N GLU D 98 -23.03 -15.48 9.73
CA GLU D 98 -24.45 -15.16 9.52
C GLU D 98 -25.01 -14.43 10.74
N PRO D 99 -26.00 -13.52 10.51
CA PRO D 99 -26.70 -12.83 11.61
C PRO D 99 -27.19 -13.73 12.75
N GLU D 100 -27.52 -14.99 12.42
CA GLU D 100 -28.04 -15.91 13.42
C GLU D 100 -26.93 -16.74 14.16
N SER D 101 -25.67 -16.57 13.79
CA SER D 101 -24.59 -17.29 14.46
C SER D 101 -24.19 -16.61 15.78
N LEU D 102 -23.68 -17.41 16.69
CA LEU D 102 -23.19 -16.91 17.96
C LEU D 102 -22.04 -15.93 17.78
N ILE D 103 -21.08 -16.19 16.88
CA ILE D 103 -19.93 -15.25 16.67
C ILE D 103 -20.43 -13.87 16.24
N TYR D 104 -21.41 -13.85 15.31
CA TYR D 104 -22.05 -12.59 14.90
C TYR D 104 -22.62 -11.86 16.09
N LYS D 105 -23.45 -12.56 16.88
CA LYS D 105 -24.09 -11.97 18.02
C LYS D 105 -23.10 -11.50 19.09
N ASP D 106 -22.04 -12.30 19.32
CA ASP D 106 -21.04 -11.92 20.28
C ASP D 106 -20.30 -10.70 19.81
N ALA D 107 -20.05 -10.59 18.51
CA ALA D 107 -19.38 -9.43 17.95
C ALA D 107 -20.15 -8.13 18.16
N LEU D 108 -21.48 -8.17 17.98
CA LEU D 108 -22.34 -7.03 18.25
C LEU D 108 -22.25 -6.57 19.69
N VAL D 109 -22.33 -7.53 20.62
CA VAL D 109 -22.25 -7.17 22.04
C VAL D 109 -20.93 -6.54 22.38
N LEU D 110 -19.85 -7.16 21.91
CA LEU D 110 -18.55 -6.58 22.18
C LEU D 110 -18.31 -5.22 21.50
N HIS D 111 -18.83 -5.02 20.30
CA HIS D 111 -18.75 -3.72 19.65
C HIS D 111 -19.44 -2.71 20.61
N LYS D 112 -20.58 -3.08 21.19
CA LYS D 112 -21.26 -2.17 22.11
C LYS D 112 -20.47 -1.89 23.39
N VAL D 113 -19.84 -2.92 23.95
CA VAL D 113 -18.98 -2.76 25.13
C VAL D 113 -17.80 -1.80 24.85
N LEU D 114 -17.09 -2.04 23.76
CA LEU D 114 -16.05 -1.16 23.24
C LEU D 114 -16.47 0.33 23.28
N LEU D 115 -17.63 0.66 22.70
CA LEU D 115 -18.10 2.05 22.65
C LEU D 115 -18.44 2.61 24.03
N GLU D 116 -19.05 1.80 24.89
CA GLU D 116 -19.38 2.27 26.23
C GLU D 116 -18.13 2.51 27.06
N THR D 117 -17.15 1.63 26.92
CA THR D 117 -15.86 1.80 27.56
C THR D 117 -15.22 3.12 27.10
N ARG D 118 -15.18 3.37 25.78
CA ARG D 118 -14.57 4.60 25.26
C ARG D 118 -15.24 5.83 25.86
N ARG D 119 -16.57 5.79 25.90
CA ARG D 119 -17.42 6.85 26.47
C ARG D 119 -17.12 7.10 27.96
N ASP D 120 -16.88 6.04 28.74
CA ASP D 120 -16.70 6.15 30.20
C ASP D 120 -15.28 6.53 30.65
N LEU D 121 -14.38 6.71 29.70
CA LEU D 121 -13.07 7.30 29.99
C LEU D 121 -13.04 8.75 29.54
#